data_9P5I
#
_entry.id   9P5I
#
_cell.length_a   43.721
_cell.length_b   94.551
_cell.length_c   136.846
_cell.angle_alpha   90
_cell.angle_beta   90
_cell.angle_gamma   90
#
_symmetry.space_group_name_H-M   'P 21 21 21'
#
loop_
_entity.id
_entity.type
_entity.pdbx_description
1 polymer 'Dihydropteroate synthase'
2 non-polymer 7-amino-1-methyl-3-{[(1H-tetrazol-5-yl)amino]methyl}pyrimido[4,5-c]pyridazine-4,5(1H,6H)-dione
3 water water
#
_entity_poly.entity_id   1
_entity_poly.type   'polypeptide(L)'
_entity_poly.pdbx_seq_one_letter_code
;GSMKLFAQGTSLDLSHPHVMGILNVTPDSFSDGGTHNSLIDAVKHANLMINAGATIIDVGGESTRPGAAEVSVEEELQRV
IPVVEAIAQRFEVWISVDTSKPEVIRESAKVGAHIINDIRSLSEPGALEAAAETGLPVCLMHMQGNPKTMQEAPKYDDVF
AEVNRYFIEQIARCEQAGIAKEKLLLDPGFGFGKNLSHNYSLLARLAEFHHFNLPLLVGMSRKSMIGQLLNVGPSERLSG
SLACAVIAAMQGAHIIRVHDVKETVEAMRVVEATLSA
;
_entity_poly.pdbx_strand_id   A,B
#
# COMPACT_ATOMS: atom_id res chain seq x y z
N GLY A 1 13.52 10.21 -17.53
CA GLY A 1 12.78 11.44 -17.21
C GLY A 1 13.53 12.31 -16.19
N SER A 2 14.69 11.83 -15.73
CA SER A 2 15.55 12.58 -14.82
C SER A 2 16.65 11.68 -14.25
N MET A 3 16.47 11.17 -13.02
CA MET A 3 17.54 10.42 -12.38
C MET A 3 17.71 9.06 -13.08
N LYS A 4 18.97 8.69 -13.33
CA LYS A 4 19.31 7.45 -14.03
C LYS A 4 20.57 6.82 -13.44
N LEU A 5 20.70 5.49 -13.60
CA LEU A 5 21.97 4.80 -13.38
C LEU A 5 22.41 4.18 -14.72
N PHE A 6 23.74 3.99 -14.87
CA PHE A 6 24.30 3.43 -16.09
C PHE A 6 25.16 2.24 -15.72
N ALA A 7 25.03 1.14 -16.47
CA ALA A 7 25.84 -0.06 -16.28
C ALA A 7 25.66 -0.99 -17.49
N GLN A 8 26.75 -1.65 -17.87
CA GLN A 8 26.72 -2.77 -18.81
C GLN A 8 26.03 -2.36 -20.12
N GLY A 9 26.20 -1.09 -20.53
CA GLY A 9 25.73 -0.61 -21.82
C GLY A 9 24.25 -0.24 -21.81
N THR A 10 23.57 -0.36 -20.66
CA THR A 10 22.19 0.07 -20.56
C THR A 10 22.07 1.07 -19.41
N SER A 11 20.85 1.61 -19.25
CA SER A 11 20.53 2.61 -18.24
C SER A 11 19.23 2.23 -17.55
N LEU A 12 19.14 2.61 -16.26
CA LEU A 12 17.96 2.39 -15.46
C LEU A 12 17.31 3.75 -15.19
N ASP A 13 16.08 3.91 -15.66
CA ASP A 13 15.36 5.17 -15.60
C ASP A 13 14.59 5.22 -14.29
N LEU A 14 15.04 6.11 -13.37
CA LEU A 14 14.50 6.13 -12.03
C LEU A 14 13.48 7.26 -11.86
N SER A 15 12.86 7.70 -12.95
CA SER A 15 11.78 8.67 -12.83
C SER A 15 10.50 8.00 -12.32
N HIS A 16 10.49 6.65 -12.24
CA HIS A 16 9.36 5.95 -11.64
C HIS A 16 9.93 4.81 -10.80
N PRO A 17 9.15 4.29 -9.82
CA PRO A 17 9.59 3.15 -9.02
C PRO A 17 9.81 1.87 -9.84
N HIS A 18 10.86 1.11 -9.42
CA HIS A 18 11.16 -0.19 -9.96
C HIS A 18 10.94 -1.25 -8.88
N VAL A 19 10.41 -2.42 -9.27
CA VAL A 19 10.33 -3.56 -8.37
C VAL A 19 11.51 -4.49 -8.64
N MET A 20 12.22 -4.80 -7.55
CA MET A 20 13.37 -5.70 -7.54
C MET A 20 12.94 -7.01 -6.91
N GLY A 21 12.94 -8.09 -7.71
CA GLY A 21 12.54 -9.40 -7.24
C GLY A 21 13.72 -10.13 -6.57
N ILE A 22 13.43 -10.78 -5.43
CA ILE A 22 14.47 -11.43 -4.65
C ILE A 22 14.75 -12.81 -5.26
N LEU A 23 16.02 -13.11 -5.57
CA LEU A 23 16.36 -14.44 -6.05
C LEU A 23 17.43 -15.06 -5.15
N ASN A 24 17.00 -15.91 -4.24
CA ASN A 24 17.91 -16.47 -3.24
C ASN A 24 18.55 -17.72 -3.83
N VAL A 25 19.89 -17.74 -3.98
CA VAL A 25 20.53 -18.93 -4.51
C VAL A 25 21.50 -19.48 -3.47
N THR A 26 21.18 -19.27 -2.19
CA THR A 26 22.08 -19.68 -1.11
C THR A 26 21.81 -21.16 -0.79
N PRO A 27 22.62 -21.79 0.10
CA PRO A 27 22.32 -23.15 0.55
C PRO A 27 20.93 -23.33 1.17
N ASP A 28 20.26 -22.24 1.57
CA ASP A 28 18.92 -22.37 2.12
C ASP A 28 17.90 -22.72 1.03
N SER A 29 18.26 -22.51 -0.23
CA SER A 29 17.30 -22.66 -1.30
C SER A 29 17.59 -23.91 -2.12
N PHE A 30 18.87 -24.13 -2.45
CA PHE A 30 19.23 -25.04 -3.52
C PHE A 30 20.57 -25.68 -3.20
N SER A 31 20.73 -26.93 -3.68
CA SER A 31 22.03 -27.59 -3.68
C SER A 31 22.92 -26.93 -4.74
N ASP A 32 24.23 -27.19 -4.65
CA ASP A 32 25.14 -26.79 -5.69
C ASP A 32 26.01 -28.00 -6.04
N GLY A 33 25.93 -28.43 -7.30
CA GLY A 33 26.70 -29.56 -7.78
C GLY A 33 26.04 -30.90 -7.44
N GLY A 34 24.76 -30.85 -7.04
CA GLY A 34 24.03 -32.07 -6.69
C GLY A 34 23.21 -32.56 -7.87
N THR A 35 22.23 -33.45 -7.58
CA THR A 35 21.34 -34.05 -8.55
C THR A 35 20.32 -33.03 -9.07
N HIS A 36 19.84 -32.12 -8.23
CA HIS A 36 18.88 -31.10 -8.66
C HIS A 36 19.50 -30.13 -9.68
N ASN A 37 18.70 -29.75 -10.69
CA ASN A 37 19.14 -28.71 -11.61
C ASN A 37 18.82 -27.33 -11.02
N SER A 38 19.71 -26.87 -10.14
CA SER A 38 19.51 -25.63 -9.40
C SER A 38 19.58 -24.42 -10.33
N LEU A 39 20.46 -24.48 -11.34
CA LEU A 39 20.57 -23.39 -12.29
C LEU A 39 19.22 -23.15 -12.95
N ILE A 40 18.62 -24.23 -13.47
CA ILE A 40 17.38 -24.07 -14.24
C ILE A 40 16.27 -23.57 -13.32
N ASP A 41 16.24 -24.12 -12.10
CA ASP A 41 15.30 -23.74 -11.07
C ASP A 41 15.40 -22.22 -10.83
N ALA A 42 16.62 -21.77 -10.62
CA ALA A 42 16.88 -20.36 -10.30
C ALA A 42 16.38 -19.45 -11.43
N VAL A 43 16.64 -19.89 -12.68
CA VAL A 43 16.36 -19.08 -13.84
C VAL A 43 14.87 -19.07 -14.12
N LYS A 44 14.17 -20.21 -13.88
CA LYS A 44 12.72 -20.24 -14.03
C LYS A 44 12.10 -19.26 -13.05
N HIS A 45 12.57 -19.28 -11.80
CA HIS A 45 12.10 -18.31 -10.80
C HIS A 45 12.35 -16.85 -11.26
N ALA A 46 13.57 -16.55 -11.72
CA ALA A 46 13.82 -15.21 -12.27
C ALA A 46 12.81 -14.87 -13.38
N ASN A 47 12.54 -15.86 -14.26
CA ASN A 47 11.64 -15.69 -15.40
C ASN A 47 10.23 -15.32 -14.93
N LEU A 48 9.72 -16.02 -13.91
CA LEU A 48 8.40 -15.74 -13.37
C LEU A 48 8.35 -14.32 -12.83
N MET A 49 9.41 -13.91 -12.11
CA MET A 49 9.45 -12.55 -11.56
C MET A 49 9.51 -11.49 -12.66
N ILE A 50 10.26 -11.78 -13.72
CA ILE A 50 10.37 -10.83 -14.83
C ILE A 50 9.02 -10.74 -15.53
N ASN A 51 8.37 -11.90 -15.75
CA ASN A 51 7.06 -11.92 -16.37
C ASN A 51 6.04 -11.19 -15.49
N ALA A 52 6.22 -11.22 -14.16
CA ALA A 52 5.34 -10.51 -13.23
C ALA A 52 5.62 -9.01 -13.22
N GLY A 53 6.73 -8.56 -13.84
CA GLY A 53 6.98 -7.14 -14.03
C GLY A 53 8.18 -6.61 -13.24
N ALA A 54 8.96 -7.48 -12.57
CA ALA A 54 10.20 -7.02 -11.98
C ALA A 54 11.13 -6.49 -13.06
N THR A 55 11.83 -5.38 -12.78
CA THR A 55 12.78 -4.84 -13.73
C THR A 55 14.20 -5.00 -13.20
N ILE A 56 14.35 -5.43 -11.94
CA ILE A 56 15.66 -5.79 -11.40
C ILE A 56 15.54 -7.13 -10.69
N ILE A 57 16.54 -8.01 -10.84
CA ILE A 57 16.57 -9.26 -10.09
C ILE A 57 17.78 -9.26 -9.18
N ASP A 58 17.52 -9.49 -7.89
CA ASP A 58 18.56 -9.45 -6.89
C ASP A 58 19.04 -10.87 -6.57
N VAL A 59 20.31 -11.17 -6.91
CA VAL A 59 20.84 -12.52 -6.79
C VAL A 59 21.80 -12.58 -5.60
N GLY A 60 21.53 -13.48 -4.66
CA GLY A 60 22.42 -13.66 -3.52
C GLY A 60 22.72 -15.14 -3.27
N GLY A 61 24.00 -15.46 -3.07
CA GLY A 61 24.44 -16.84 -2.88
C GLY A 61 24.96 -17.17 -1.48
N GLU A 62 25.14 -16.15 -0.61
CA GLU A 62 25.49 -16.40 0.78
C GLU A 62 24.28 -16.14 1.68
N SER A 63 23.92 -17.14 2.49
CA SER A 63 22.81 -17.00 3.42
C SER A 63 23.15 -16.00 4.51
N THR A 64 22.14 -15.28 5.03
CA THR A 64 22.32 -14.47 6.21
C THR A 64 21.23 -14.78 7.23
N ARG A 65 20.70 -16.00 7.20
CA ARG A 65 19.83 -16.49 8.26
C ARG A 65 20.67 -16.67 9.53
N PRO A 66 20.14 -16.37 10.74
CA PRO A 66 20.93 -16.44 11.97
C PRO A 66 21.84 -17.67 12.10
N GLY A 67 21.34 -18.86 11.78
CA GLY A 67 22.13 -20.07 11.98
C GLY A 67 23.19 -20.35 10.91
N ALA A 68 23.09 -19.68 9.74
CA ALA A 68 23.65 -20.20 8.50
C ALA A 68 25.18 -20.16 8.50
N ALA A 69 25.78 -21.26 8.05
CA ALA A 69 27.22 -21.37 7.84
C ALA A 69 27.64 -20.51 6.64
N GLU A 70 28.73 -19.75 6.80
CA GLU A 70 29.34 -18.97 5.73
C GLU A 70 29.80 -19.90 4.61
N VAL A 71 29.75 -19.41 3.36
CA VAL A 71 30.07 -20.24 2.21
C VAL A 71 31.48 -19.85 1.72
N SER A 72 32.18 -20.78 1.08
CA SER A 72 33.48 -20.43 0.52
C SER A 72 33.27 -19.56 -0.72
N VAL A 73 34.33 -18.84 -1.09
CA VAL A 73 34.38 -17.99 -2.25
C VAL A 73 34.01 -18.83 -3.47
N GLU A 74 34.59 -20.03 -3.58
CA GLU A 74 34.37 -20.92 -4.71
C GLU A 74 32.89 -21.32 -4.80
N GLU A 75 32.28 -21.65 -3.66
CA GLU A 75 30.87 -22.05 -3.68
C GLU A 75 29.98 -20.86 -4.08
N GLU A 76 30.26 -19.67 -3.54
CA GLU A 76 29.46 -18.47 -3.82
C GLU A 76 29.56 -18.15 -5.31
N LEU A 77 30.78 -18.21 -5.88
CA LEU A 77 30.97 -18.02 -7.31
C LEU A 77 30.14 -19.03 -8.10
N GLN A 78 30.15 -20.30 -7.67
CA GLN A 78 29.46 -21.36 -8.39
C GLN A 78 27.94 -21.17 -8.34
N ARG A 79 27.44 -20.61 -7.23
CA ARG A 79 26.01 -20.38 -7.12
C ARG A 79 25.59 -19.11 -7.88
N VAL A 80 26.38 -18.02 -7.72
CA VAL A 80 25.94 -16.73 -8.22
C VAL A 80 26.29 -16.56 -9.70
N ILE A 81 27.52 -16.88 -10.11
CA ILE A 81 27.96 -16.46 -11.45
C ILE A 81 27.09 -17.08 -12.55
N PRO A 82 26.78 -18.39 -12.52
CA PRO A 82 25.96 -18.97 -13.60
C PRO A 82 24.60 -18.27 -13.73
N VAL A 83 24.08 -17.80 -12.59
CA VAL A 83 22.73 -17.25 -12.59
C VAL A 83 22.77 -15.84 -13.17
N VAL A 84 23.80 -15.07 -12.76
CA VAL A 84 23.95 -13.72 -13.28
C VAL A 84 24.09 -13.84 -14.78
N GLU A 85 24.97 -14.75 -15.20
CA GLU A 85 25.28 -14.91 -16.61
C GLU A 85 24.01 -15.23 -17.40
N ALA A 86 23.20 -16.18 -16.91
CA ALA A 86 22.02 -16.64 -17.64
C ALA A 86 21.01 -15.51 -17.78
N ILE A 87 20.90 -14.64 -16.77
CA ILE A 87 19.92 -13.57 -16.84
C ILE A 87 20.43 -12.48 -17.79
N ALA A 88 21.75 -12.24 -17.77
CA ALA A 88 22.29 -11.18 -18.61
C ALA A 88 22.18 -11.60 -20.07
N GLN A 89 22.15 -12.92 -20.31
CA GLN A 89 22.04 -13.43 -21.67
C GLN A 89 20.60 -13.38 -22.18
N ARG A 90 19.61 -13.46 -21.29
CA ARG A 90 18.27 -13.83 -21.75
C ARG A 90 17.26 -12.70 -21.59
N PHE A 91 17.44 -11.85 -20.57
CA PHE A 91 16.32 -11.00 -20.20
C PHE A 91 16.75 -9.55 -20.09
N GLU A 92 15.78 -8.66 -20.36
CA GLU A 92 16.05 -7.23 -20.42
C GLU A 92 15.72 -6.58 -19.07
N VAL A 93 16.44 -7.04 -18.06
CA VAL A 93 16.26 -6.58 -16.70
C VAL A 93 17.66 -6.29 -16.17
N TRP A 94 17.72 -5.47 -15.13
CA TRP A 94 18.99 -5.30 -14.46
C TRP A 94 19.18 -6.41 -13.44
N ILE A 95 20.45 -6.63 -13.08
CA ILE A 95 20.84 -7.67 -12.15
C ILE A 95 21.64 -7.01 -11.04
N SER A 96 21.16 -7.24 -9.82
CA SER A 96 21.88 -6.83 -8.63
C SER A 96 22.47 -8.09 -7.96
N VAL A 97 23.67 -7.95 -7.39
CA VAL A 97 24.36 -9.05 -6.75
C VAL A 97 24.57 -8.75 -5.27
N ASP A 98 24.18 -9.71 -4.42
CA ASP A 98 24.33 -9.54 -2.98
C ASP A 98 25.54 -10.32 -2.47
N THR A 99 26.67 -9.63 -2.38
CA THR A 99 27.91 -10.29 -1.98
C THR A 99 28.78 -9.25 -1.29
N SER A 100 29.64 -9.76 -0.41
CA SER A 100 30.57 -8.93 0.35
C SER A 100 32.00 -9.25 -0.09
N LYS A 101 32.17 -10.24 -0.99
CA LYS A 101 33.49 -10.75 -1.33
C LYS A 101 34.04 -10.09 -2.60
N PRO A 102 35.28 -9.50 -2.54
CA PRO A 102 35.91 -8.92 -3.71
C PRO A 102 35.86 -9.77 -4.98
N GLU A 103 36.09 -11.09 -4.84
CA GLU A 103 36.18 -11.97 -6.00
C GLU A 103 34.83 -12.11 -6.68
N VAL A 104 33.78 -12.15 -5.88
CA VAL A 104 32.44 -12.30 -6.45
C VAL A 104 32.02 -10.99 -7.12
N ILE A 105 32.39 -9.86 -6.52
CA ILE A 105 32.13 -8.56 -7.14
C ILE A 105 32.77 -8.47 -8.52
N ARG A 106 34.06 -8.84 -8.61
CA ARG A 106 34.79 -8.71 -9.87
C ARG A 106 34.20 -9.66 -10.92
N GLU A 107 33.94 -10.91 -10.53
CA GLU A 107 33.46 -11.91 -11.47
C GLU A 107 32.04 -11.58 -11.93
N SER A 108 31.20 -11.09 -10.99
CA SER A 108 29.82 -10.71 -11.31
C SER A 108 29.80 -9.64 -12.40
N ALA A 109 30.71 -8.64 -12.27
CA ALA A 109 30.79 -7.55 -13.22
C ALA A 109 31.14 -8.10 -14.61
N LYS A 110 32.10 -9.04 -14.64
CA LYS A 110 32.55 -9.64 -15.90
C LYS A 110 31.40 -10.36 -16.61
N VAL A 111 30.48 -10.97 -15.86
CA VAL A 111 29.45 -11.74 -16.55
C VAL A 111 28.16 -10.92 -16.67
N GLY A 112 28.15 -9.67 -16.22
CA GLY A 112 27.05 -8.81 -16.65
C GLY A 112 26.18 -8.20 -15.55
N ALA A 113 26.55 -8.35 -14.25
CA ALA A 113 25.81 -7.70 -13.17
C ALA A 113 25.85 -6.17 -13.29
N HIS A 114 24.74 -5.52 -12.89
CA HIS A 114 24.56 -4.08 -13.00
C HIS A 114 24.78 -3.33 -11.67
N ILE A 115 24.44 -3.96 -10.53
CA ILE A 115 24.49 -3.30 -9.23
C ILE A 115 25.15 -4.23 -8.21
N ILE A 116 26.06 -3.66 -7.42
CA ILE A 116 26.59 -4.34 -6.27
C ILE A 116 25.74 -3.95 -5.07
N ASN A 117 25.10 -4.95 -4.46
CA ASN A 117 24.20 -4.72 -3.35
C ASN A 117 24.77 -5.41 -2.12
N ASP A 118 25.71 -4.76 -1.45
CA ASP A 118 26.33 -5.37 -0.30
C ASP A 118 25.71 -4.81 0.97
N ILE A 119 25.10 -5.68 1.75
CA ILE A 119 24.52 -5.30 3.03
C ILE A 119 25.60 -4.85 4.01
N ARG A 120 26.87 -5.19 3.74
CA ARG A 120 27.99 -4.79 4.58
C ARG A 120 28.62 -3.51 4.03
N SER A 121 28.01 -2.93 2.99
CA SER A 121 28.49 -1.67 2.41
C SER A 121 29.99 -1.73 2.12
N LEU A 122 30.49 -2.86 1.61
CA LEU A 122 31.85 -2.96 1.11
C LEU A 122 32.87 -2.77 2.23
N SER A 123 32.55 -3.25 3.42
CA SER A 123 33.42 -3.08 4.58
C SER A 123 34.43 -4.24 4.67
N GLU A 124 34.23 -5.33 3.91
CA GLU A 124 35.17 -6.42 3.95
C GLU A 124 36.47 -5.99 3.25
N PRO A 125 37.63 -6.55 3.66
CA PRO A 125 38.91 -6.21 3.03
C PRO A 125 38.91 -6.46 1.52
N GLY A 126 39.23 -5.40 0.76
CA GLY A 126 39.31 -5.50 -0.69
C GLY A 126 38.00 -5.19 -1.41
N ALA A 127 36.89 -5.14 -0.66
CA ALA A 127 35.59 -5.03 -1.31
C ALA A 127 35.43 -3.66 -1.98
N LEU A 128 35.86 -2.62 -1.26
CA LEU A 128 35.73 -1.26 -1.74
C LEU A 128 36.50 -1.09 -3.05
N GLU A 129 37.74 -1.63 -3.09
CA GLU A 129 38.61 -1.48 -4.23
C GLU A 129 38.04 -2.27 -5.41
N ALA A 130 37.54 -3.49 -5.15
CA ALA A 130 36.93 -4.28 -6.19
C ALA A 130 35.72 -3.54 -6.76
N ALA A 131 34.87 -2.99 -5.88
CA ALA A 131 33.71 -2.28 -6.39
C ALA A 131 34.12 -1.12 -7.30
N ALA A 132 35.10 -0.32 -6.83
CA ALA A 132 35.54 0.85 -7.58
C ALA A 132 36.05 0.42 -8.95
N GLU A 133 36.83 -0.66 -8.98
CA GLU A 133 37.43 -1.14 -10.23
C GLU A 133 36.37 -1.56 -11.26
N THR A 134 35.23 -2.11 -10.79
CA THR A 134 34.20 -2.54 -11.73
C THR A 134 33.52 -1.35 -12.42
N GLY A 135 33.47 -0.20 -11.74
CA GLY A 135 32.70 0.93 -12.24
C GLY A 135 31.17 0.77 -12.08
N LEU A 136 30.71 -0.32 -11.42
CA LEU A 136 29.29 -0.57 -11.22
C LEU A 136 28.68 0.36 -10.18
N PRO A 137 27.38 0.73 -10.33
CA PRO A 137 26.60 1.23 -9.21
C PRO A 137 26.72 0.38 -7.93
N VAL A 138 26.68 1.06 -6.78
CA VAL A 138 26.87 0.44 -5.49
C VAL A 138 25.78 0.94 -4.54
N CYS A 139 25.13 -0.02 -3.85
CA CYS A 139 24.19 0.29 -2.80
C CYS A 139 24.87 0.31 -1.43
N LEU A 140 24.62 1.40 -0.69
CA LEU A 140 25.10 1.58 0.68
C LEU A 140 23.93 1.37 1.66
N MET A 141 24.05 0.34 2.51
CA MET A 141 22.97 0.00 3.41
C MET A 141 23.43 0.18 4.85
N HIS A 142 22.60 0.89 5.63
CA HIS A 142 22.82 1.01 7.05
C HIS A 142 22.45 -0.31 7.76
N MET A 143 23.31 -0.74 8.71
CA MET A 143 23.04 -1.98 9.42
C MET A 143 23.24 -1.83 10.94
N TYR A 156 18.99 3.78 19.99
CA TYR A 156 19.62 5.01 19.43
C TYR A 156 19.14 6.24 20.19
N ASP A 157 19.98 7.28 20.21
CA ASP A 157 19.54 8.61 20.64
C ASP A 157 18.57 9.15 19.58
N ASP A 158 18.82 8.83 18.30
CA ASP A 158 18.03 9.30 17.16
C ASP A 158 18.37 8.46 15.92
N VAL A 159 17.43 7.63 15.45
CA VAL A 159 17.74 6.63 14.42
C VAL A 159 17.89 7.33 13.06
N PHE A 160 17.00 8.28 12.76
CA PHE A 160 17.07 9.00 11.50
C PHE A 160 18.44 9.67 11.38
N ALA A 161 18.87 10.37 12.45
CA ALA A 161 20.14 11.09 12.42
C ALA A 161 21.33 10.13 12.30
N GLU A 162 21.25 8.95 12.92
CA GLU A 162 22.32 7.98 12.83
C GLU A 162 22.43 7.43 11.41
N VAL A 163 21.30 7.14 10.76
CA VAL A 163 21.33 6.56 9.41
C VAL A 163 21.85 7.63 8.43
N ASN A 164 21.37 8.87 8.61
CA ASN A 164 21.76 10.02 7.80
C ASN A 164 23.28 10.22 7.86
N ARG A 165 23.82 10.19 9.08
CA ARG A 165 25.24 10.41 9.31
C ARG A 165 26.01 9.26 8.66
N TYR A 166 25.45 8.04 8.78
CA TYR A 166 26.09 6.89 8.18
C TYR A 166 26.21 7.09 6.67
N PHE A 167 25.15 7.61 6.05
CA PHE A 167 25.15 7.83 4.62
C PHE A 167 26.23 8.84 4.24
N ILE A 168 26.34 9.93 5.00
CA ILE A 168 27.31 10.98 4.67
C ILE A 168 28.71 10.37 4.65
N GLU A 169 28.98 9.47 5.60
CA GLU A 169 30.33 8.95 5.81
C GLU A 169 30.68 7.93 4.73
N GLN A 170 29.69 7.13 4.32
CA GLN A 170 29.90 6.08 3.34
C GLN A 170 29.99 6.67 1.93
N ILE A 171 29.17 7.68 1.63
CA ILE A 171 29.33 8.39 0.37
C ILE A 171 30.76 8.93 0.27
N ALA A 172 31.25 9.57 1.36
CA ALA A 172 32.59 10.15 1.31
C ALA A 172 33.63 9.05 1.14
N ARG A 173 33.44 7.93 1.84
CA ARG A 173 34.33 6.77 1.76
C ARG A 173 34.39 6.29 0.31
N CYS A 174 33.23 6.27 -0.36
CA CYS A 174 33.17 5.74 -1.72
C CYS A 174 33.84 6.73 -2.68
N GLU A 175 33.56 8.01 -2.47
CA GLU A 175 34.13 9.08 -3.27
C GLU A 175 35.67 9.07 -3.17
N GLN A 176 36.18 8.89 -1.96
CA GLN A 176 37.61 8.91 -1.75
C GLN A 176 38.24 7.73 -2.48
N ALA A 177 37.49 6.64 -2.70
CA ALA A 177 38.05 5.48 -3.39
C ALA A 177 37.85 5.56 -4.90
N GLY A 178 37.25 6.65 -5.40
CA GLY A 178 37.12 6.82 -6.83
C GLY A 178 35.75 6.38 -7.37
N ILE A 179 34.82 6.00 -6.48
CA ILE A 179 33.46 5.73 -6.93
C ILE A 179 32.70 7.06 -7.01
N ALA A 180 32.18 7.39 -8.20
CA ALA A 180 31.45 8.64 -8.38
C ALA A 180 30.10 8.60 -7.64
N LYS A 181 29.67 9.76 -7.15
CA LYS A 181 28.38 9.90 -6.47
C LYS A 181 27.24 9.39 -7.36
N GLU A 182 27.35 9.59 -8.67
CA GLU A 182 26.36 9.17 -9.65
C GLU A 182 26.25 7.64 -9.75
N LYS A 183 27.10 6.89 -9.03
CA LYS A 183 26.97 5.44 -9.00
C LYS A 183 26.30 4.93 -7.72
N LEU A 184 25.96 5.82 -6.78
CA LEU A 184 25.59 5.38 -5.43
C LEU A 184 24.07 5.24 -5.24
N LEU A 185 23.67 4.22 -4.46
CA LEU A 185 22.29 4.09 -3.98
C LEU A 185 22.31 4.02 -2.46
N LEU A 186 21.22 4.48 -1.82
CA LEU A 186 21.13 4.51 -0.36
C LEU A 186 19.95 3.65 0.09
N ASP A 187 20.19 2.83 1.11
CA ASP A 187 19.18 1.98 1.69
C ASP A 187 19.26 2.09 3.22
N PRO A 188 18.18 2.52 3.93
CA PRO A 188 18.22 2.67 5.38
C PRO A 188 18.35 1.38 6.18
N GLY A 189 18.16 0.23 5.53
CA GLY A 189 18.42 -1.05 6.18
C GLY A 189 17.32 -1.44 7.17
N PHE A 190 16.08 -1.61 6.64
CA PHE A 190 14.93 -2.01 7.46
C PHE A 190 15.22 -3.36 8.10
N GLY A 191 14.94 -3.47 9.40
CA GLY A 191 15.13 -4.71 10.14
C GLY A 191 16.60 -4.96 10.50
N PHE A 192 17.48 -3.97 10.35
CA PHE A 192 18.91 -4.28 10.47
C PHE A 192 19.49 -3.60 11.71
N GLY A 193 19.41 -4.31 12.83
CA GLY A 193 19.64 -3.72 14.15
C GLY A 193 18.57 -2.66 14.46
N LYS A 194 17.30 -2.97 14.13
CA LYS A 194 16.27 -1.96 14.31
C LYS A 194 15.02 -2.62 14.88
N ASN A 195 14.48 -2.04 15.96
CA ASN A 195 13.22 -2.48 16.54
C ASN A 195 12.06 -1.83 15.78
N LEU A 196 10.83 -2.12 16.21
CA LEU A 196 9.61 -1.65 15.56
C LEU A 196 9.62 -0.12 15.46
N SER A 197 9.80 0.57 16.59
CA SER A 197 9.81 2.02 16.58
C SER A 197 10.82 2.56 15.57
N HIS A 198 12.03 1.99 15.56
CA HIS A 198 13.08 2.49 14.70
C HIS A 198 12.70 2.29 13.23
N ASN A 199 12.18 1.10 12.88
CA ASN A 199 11.73 0.80 11.52
C ASN A 199 10.68 1.81 11.07
N TYR A 200 9.69 2.10 11.92
CA TYR A 200 8.59 2.98 11.52
C TYR A 200 9.03 4.45 11.43
N SER A 201 10.00 4.87 12.26
CA SER A 201 10.52 6.23 12.16
C SER A 201 11.23 6.45 10.83
N LEU A 202 12.04 5.45 10.43
CA LEU A 202 12.75 5.52 9.17
C LEU A 202 11.72 5.54 8.03
N LEU A 203 10.69 4.69 8.12
CA LEU A 203 9.69 4.66 7.06
C LEU A 203 8.98 6.01 6.98
N ALA A 204 8.63 6.59 8.14
CA ALA A 204 7.86 7.83 8.18
C ALA A 204 8.65 9.01 7.62
N ARG A 205 9.98 8.94 7.72
CA ARG A 205 10.83 10.07 7.36
C ARG A 205 11.63 9.76 6.11
N LEU A 206 11.22 8.70 5.39
CA LEU A 206 11.97 8.26 4.23
C LEU A 206 12.26 9.40 3.24
N ALA A 207 11.27 10.27 2.99
CA ALA A 207 11.41 11.32 2.00
C ALA A 207 12.58 12.26 2.35
N GLU A 208 12.91 12.38 3.64
CA GLU A 208 13.93 13.33 4.06
C GLU A 208 15.30 12.91 3.51
N PHE A 209 15.45 11.63 3.12
CA PHE A 209 16.73 11.15 2.61
C PHE A 209 16.97 11.61 1.18
N HIS A 210 15.98 12.24 0.55
CA HIS A 210 16.17 12.79 -0.78
C HIS A 210 17.19 13.95 -0.80
N HIS A 211 17.52 14.54 0.37
CA HIS A 211 18.43 15.69 0.33
C HIS A 211 19.74 15.30 -0.38
N PHE A 212 20.10 14.00 -0.36
CA PHE A 212 21.32 13.54 -0.99
C PHE A 212 21.20 13.51 -2.51
N ASN A 213 19.97 13.58 -3.03
CA ASN A 213 19.75 13.48 -4.47
C ASN A 213 20.29 12.17 -5.01
N LEU A 214 20.13 11.08 -4.25
CA LEU A 214 20.59 9.77 -4.70
C LEU A 214 19.40 8.82 -4.73
N PRO A 215 19.47 7.74 -5.54
CA PRO A 215 18.46 6.69 -5.50
C PRO A 215 18.28 6.13 -4.10
N LEU A 216 17.00 5.95 -3.74
CA LEU A 216 16.60 5.28 -2.51
C LEU A 216 16.08 3.87 -2.81
N LEU A 217 16.70 2.88 -2.18
CA LEU A 217 16.34 1.48 -2.29
C LEU A 217 15.86 1.01 -0.91
N VAL A 218 14.72 0.30 -0.87
CA VAL A 218 14.20 -0.15 0.41
C VAL A 218 13.79 -1.61 0.28
N GLY A 219 13.86 -2.34 1.41
CA GLY A 219 13.43 -3.73 1.45
C GLY A 219 12.69 -4.00 2.76
N MET A 220 11.37 -4.14 2.69
CA MET A 220 10.58 -4.40 3.88
C MET A 220 9.84 -5.74 3.77
N SER A 221 9.81 -6.31 2.57
CA SER A 221 8.98 -7.46 2.22
C SER A 221 9.10 -8.58 3.26
N ARG A 222 7.94 -8.99 3.81
CA ARG A 222 7.83 -10.13 4.72
C ARG A 222 8.67 -9.98 5.99
N LYS A 223 9.06 -8.76 6.35
CA LYS A 223 9.95 -8.58 7.49
C LYS A 223 9.16 -8.60 8.79
N SER A 224 9.90 -8.71 9.88
CA SER A 224 9.39 -8.76 11.24
C SER A 224 8.66 -7.48 11.61
N MET A 225 9.10 -6.33 11.07
CA MET A 225 8.44 -5.06 11.34
C MET A 225 6.98 -5.12 10.91
N ILE A 226 6.63 -6.07 10.03
CA ILE A 226 5.24 -6.31 9.65
C ILE A 226 4.71 -7.47 10.52
N GLY A 227 5.49 -8.57 10.56
CA GLY A 227 5.03 -9.81 11.20
C GLY A 227 4.71 -9.61 12.68
N GLN A 228 5.56 -8.86 13.38
CA GLN A 228 5.38 -8.60 14.80
C GLN A 228 4.29 -7.56 15.05
N LEU A 229 4.09 -6.62 14.11
CA LEU A 229 3.07 -5.60 14.25
C LEU A 229 1.70 -6.25 14.10
N LEU A 230 1.57 -7.22 13.18
CA LEU A 230 0.29 -7.77 12.78
C LEU A 230 0.07 -9.15 13.40
N ASN A 231 1.11 -9.76 13.99
CA ASN A 231 1.01 -11.12 14.51
C ASN A 231 0.63 -12.11 13.39
N VAL A 232 1.34 -12.00 12.25
CA VAL A 232 1.09 -12.91 11.13
C VAL A 232 2.43 -13.52 10.73
N GLY A 233 2.39 -14.78 10.23
CA GLY A 233 3.61 -15.50 9.91
C GLY A 233 4.17 -15.08 8.54
N PRO A 234 5.36 -15.56 8.15
CA PRO A 234 6.04 -15.09 6.95
C PRO A 234 5.28 -15.31 5.63
N SER A 235 4.33 -16.24 5.63
CA SER A 235 3.57 -16.47 4.41
C SER A 235 2.28 -15.64 4.39
N GLU A 236 2.05 -14.83 5.42
CA GLU A 236 0.79 -14.09 5.53
C GLU A 236 1.05 -12.59 5.62
N ARG A 237 2.20 -12.14 5.09
CA ARG A 237 2.61 -10.76 5.29
C ARG A 237 2.40 -9.89 4.04
N LEU A 238 1.72 -10.42 3.04
CA LEU A 238 1.57 -9.73 1.78
C LEU A 238 0.91 -8.37 1.96
N SER A 239 -0.20 -8.28 2.72
CA SER A 239 -0.93 -7.01 2.81
C SER A 239 -0.07 -5.93 3.46
N GLY A 240 0.62 -6.31 4.55
CA GLY A 240 1.48 -5.40 5.28
C GLY A 240 2.69 -5.00 4.42
N SER A 241 3.17 -5.95 3.60
CA SER A 241 4.30 -5.71 2.71
C SER A 241 3.91 -4.68 1.67
N LEU A 242 2.73 -4.90 1.09
CA LEU A 242 2.20 -3.97 0.09
C LEU A 242 2.07 -2.59 0.70
N ALA A 243 1.60 -2.51 1.94
CA ALA A 243 1.38 -1.22 2.56
C ALA A 243 2.72 -0.50 2.73
N CYS A 244 3.75 -1.21 3.21
CA CYS A 244 5.09 -0.66 3.33
C CYS A 244 5.65 -0.15 2.00
N ALA A 245 5.49 -0.97 0.95
CA ALA A 245 6.00 -0.63 -0.37
C ALA A 245 5.33 0.65 -0.88
N VAL A 246 4.02 0.78 -0.63
CA VAL A 246 3.28 1.93 -1.13
C VAL A 246 3.68 3.19 -0.37
N ILE A 247 3.78 3.08 0.97
CA ILE A 247 4.21 4.22 1.77
C ILE A 247 5.59 4.73 1.31
N ALA A 248 6.54 3.82 1.09
CA ALA A 248 7.87 4.15 0.61
C ALA A 248 7.80 4.80 -0.78
N ALA A 249 7.05 4.19 -1.68
CA ALA A 249 7.01 4.67 -3.06
C ALA A 249 6.29 6.02 -3.16
N MET A 250 5.28 6.25 -2.32
CA MET A 250 4.60 7.54 -2.35
C MET A 250 5.56 8.63 -1.85
N GLN A 251 6.58 8.23 -1.11
CA GLN A 251 7.59 9.17 -0.66
C GLN A 251 8.73 9.23 -1.66
N GLY A 252 8.58 8.63 -2.86
CA GLY A 252 9.58 8.76 -3.92
C GLY A 252 10.75 7.78 -3.79
N ALA A 253 10.60 6.67 -3.06
CA ALA A 253 11.59 5.60 -3.14
C ALA A 253 11.66 5.04 -4.58
N HIS A 254 12.88 4.67 -5.00
CA HIS A 254 13.16 4.39 -6.41
C HIS A 254 13.07 2.90 -6.68
N ILE A 255 13.48 2.07 -5.71
CA ILE A 255 13.57 0.63 -5.88
C ILE A 255 13.02 -0.03 -4.62
N ILE A 256 12.12 -1.00 -4.85
CA ILE A 256 11.45 -1.71 -3.78
C ILE A 256 11.81 -3.19 -3.94
N ARG A 257 12.48 -3.73 -2.92
CA ARG A 257 12.96 -5.10 -2.97
C ARG A 257 11.93 -6.01 -2.28
N VAL A 258 11.44 -7.05 -3.00
CA VAL A 258 10.25 -7.79 -2.59
C VAL A 258 10.35 -9.26 -3.02
N HIS A 259 9.57 -10.09 -2.34
CA HIS A 259 9.37 -11.48 -2.70
C HIS A 259 8.20 -11.65 -3.67
N ASP A 260 7.12 -10.88 -3.48
CA ASP A 260 5.86 -11.04 -4.19
C ASP A 260 5.75 -9.96 -5.27
N VAL A 261 6.27 -10.27 -6.46
CA VAL A 261 6.52 -9.25 -7.47
C VAL A 261 5.23 -8.74 -8.09
N LYS A 262 4.34 -9.66 -8.47
CA LYS A 262 3.18 -9.32 -9.27
C LYS A 262 2.31 -8.31 -8.51
N GLU A 263 2.05 -8.63 -7.23
CA GLU A 263 1.24 -7.80 -6.37
C GLU A 263 1.92 -6.46 -6.16
N THR A 264 3.25 -6.47 -5.95
CA THR A 264 3.99 -5.21 -5.74
C THR A 264 3.91 -4.33 -6.99
N VAL A 265 4.08 -4.94 -8.19
CA VAL A 265 4.04 -4.22 -9.45
C VAL A 265 2.65 -3.57 -9.62
N GLU A 266 1.59 -4.30 -9.27
CA GLU A 266 0.24 -3.74 -9.38
C GLU A 266 0.14 -2.52 -8.47
N ALA A 267 0.63 -2.65 -7.23
CA ALA A 267 0.60 -1.56 -6.28
C ALA A 267 1.39 -0.35 -6.78
N MET A 268 2.56 -0.57 -7.40
CA MET A 268 3.39 0.52 -7.92
C MET A 268 2.69 1.26 -9.07
N ARG A 269 1.95 0.52 -9.90
CA ARG A 269 1.21 1.15 -10.99
C ARG A 269 0.16 2.12 -10.44
N VAL A 270 -0.47 1.76 -9.31
CA VAL A 270 -1.43 2.64 -8.66
C VAL A 270 -0.71 3.88 -8.16
N VAL A 271 0.45 3.68 -7.52
CA VAL A 271 1.27 4.80 -7.07
C VAL A 271 1.65 5.71 -8.24
N GLU A 272 2.12 5.13 -9.36
CA GLU A 272 2.57 5.88 -10.52
C GLU A 272 1.40 6.70 -11.08
N ALA A 273 0.20 6.11 -11.13
CA ALA A 273 -0.95 6.84 -11.64
C ALA A 273 -1.29 8.00 -10.70
N THR A 274 -1.13 7.77 -9.38
CA THR A 274 -1.38 8.84 -8.42
C THR A 274 -0.34 9.97 -8.58
N LEU A 275 0.94 9.60 -8.56
CA LEU A 275 2.03 10.58 -8.58
C LEU A 275 1.98 11.38 -9.88
N SER A 276 1.66 10.69 -11.00
CA SER A 276 1.56 11.37 -12.27
C SER A 276 0.53 12.49 -12.18
N ALA A 277 -0.58 12.24 -11.45
CA ALA A 277 -1.61 13.26 -11.34
C ALA A 277 -1.24 14.31 -10.27
N GLY B 1 -7.65 14.12 14.57
CA GLY B 1 -6.99 14.11 15.89
C GLY B 1 -7.90 14.71 16.95
N SER B 2 -8.67 13.85 17.62
CA SER B 2 -9.75 14.25 18.50
C SER B 2 -11.02 14.56 17.70
N MET B 3 -10.97 14.43 16.37
CA MET B 3 -12.20 14.46 15.59
C MET B 3 -13.06 13.26 16.00
N LYS B 4 -14.37 13.49 16.15
CA LYS B 4 -15.30 12.48 16.64
C LYS B 4 -16.66 12.65 15.97
N LEU B 5 -17.36 11.51 15.78
CA LEU B 5 -18.76 11.53 15.42
C LEU B 5 -19.56 10.95 16.58
N PHE B 6 -20.78 11.46 16.73
CA PHE B 6 -21.67 10.97 17.77
C PHE B 6 -22.95 10.48 17.12
N ALA B 7 -23.43 9.33 17.59
CA ALA B 7 -24.69 8.78 17.12
C ALA B 7 -25.13 7.67 18.06
N GLN B 8 -26.44 7.60 18.25
CA GLN B 8 -27.05 6.52 19.03
C GLN B 8 -26.41 6.45 20.42
N GLY B 9 -25.95 7.61 20.92
CA GLY B 9 -25.42 7.73 22.27
C GLY B 9 -23.99 7.22 22.40
N THR B 10 -23.34 6.91 21.28
CA THR B 10 -21.96 6.44 21.31
C THR B 10 -21.14 7.37 20.43
N SER B 11 -19.82 7.14 20.37
CA SER B 11 -18.93 8.02 19.60
C SER B 11 -17.93 7.18 18.82
N LEU B 12 -17.54 7.72 17.66
CA LEU B 12 -16.54 7.12 16.80
C LEU B 12 -15.33 8.05 16.82
N ASP B 13 -14.19 7.50 17.22
CA ASP B 13 -12.95 8.24 17.38
C ASP B 13 -12.19 8.28 16.07
N LEU B 14 -12.09 9.46 15.47
CA LEU B 14 -11.54 9.60 14.13
C LEU B 14 -10.08 10.09 14.17
N SER B 15 -9.39 9.84 15.28
CA SER B 15 -7.96 10.12 15.34
C SER B 15 -7.16 9.06 14.59
N HIS B 16 -7.81 7.98 14.17
CA HIS B 16 -7.13 7.00 13.33
C HIS B 16 -8.10 6.52 12.26
N PRO B 17 -7.62 5.94 11.12
CA PRO B 17 -8.50 5.37 10.12
C PRO B 17 -9.36 4.21 10.61
N HIS B 18 -10.61 4.17 10.15
CA HIS B 18 -11.52 3.06 10.40
C HIS B 18 -11.77 2.32 9.09
N VAL B 19 -11.89 0.99 9.16
CA VAL B 19 -12.29 0.20 8.01
C VAL B 19 -13.79 -0.10 8.15
N MET B 20 -14.52 0.23 7.07
CA MET B 20 -15.95 0.01 6.95
C MET B 20 -16.17 -1.18 6.02
N GLY B 21 -16.69 -2.29 6.56
CA GLY B 21 -16.93 -3.50 5.78
C GLY B 21 -18.26 -3.42 5.04
N ILE B 22 -18.27 -3.80 3.75
CA ILE B 22 -19.45 -3.74 2.91
C ILE B 22 -20.32 -4.97 3.18
N LEU B 23 -21.60 -4.75 3.48
CA LEU B 23 -22.51 -5.87 3.70
C LEU B 23 -23.70 -5.73 2.74
N ASN B 24 -23.61 -6.44 1.63
CA ASN B 24 -24.56 -6.28 0.56
C ASN B 24 -25.74 -7.22 0.86
N VAL B 25 -26.95 -6.66 1.01
CA VAL B 25 -28.12 -7.52 1.23
C VAL B 25 -29.10 -7.38 0.06
N THR B 26 -28.56 -7.32 -1.17
CA THR B 26 -29.40 -7.39 -2.35
C THR B 26 -29.66 -8.85 -2.73
N PRO B 27 -28.74 -9.81 -2.44
CA PRO B 27 -29.10 -11.22 -2.27
C PRO B 27 -29.13 -11.65 -0.81
N ASN B 37 -32.41 -17.15 8.00
CA ASN B 37 -31.72 -17.86 6.88
C ASN B 37 -30.80 -16.88 6.18
N SER B 38 -31.35 -16.01 5.33
CA SER B 38 -30.60 -14.95 4.70
C SER B 38 -30.18 -13.92 5.76
N LEU B 39 -31.09 -13.68 6.72
CA LEU B 39 -30.78 -12.83 7.86
C LEU B 39 -29.58 -13.39 8.61
N ILE B 40 -29.59 -14.69 8.91
CA ILE B 40 -28.54 -15.30 9.70
C ILE B 40 -27.22 -15.23 8.94
N ASP B 41 -27.28 -15.44 7.62
CA ASP B 41 -26.14 -15.29 6.73
C ASP B 41 -25.56 -13.88 6.85
N ALA B 42 -26.43 -12.87 6.75
CA ALA B 42 -26.01 -11.49 6.82
C ALA B 42 -25.28 -11.20 8.13
N VAL B 43 -25.82 -11.72 9.23
CA VAL B 43 -25.29 -11.51 10.56
C VAL B 43 -23.94 -12.23 10.73
N LYS B 44 -23.83 -13.43 10.18
CA LYS B 44 -22.59 -14.18 10.23
C LYS B 44 -21.51 -13.44 9.44
N HIS B 45 -21.88 -12.89 8.28
CA HIS B 45 -20.96 -12.09 7.49
C HIS B 45 -20.52 -10.84 8.28
N ALA B 46 -21.46 -10.13 8.91
CA ALA B 46 -21.10 -9.06 9.82
C ALA B 46 -20.08 -9.52 10.85
N ASN B 47 -20.30 -10.70 11.43
CA ASN B 47 -19.47 -11.28 12.48
C ASN B 47 -18.03 -11.48 11.98
N LEU B 48 -17.90 -12.03 10.76
CA LEU B 48 -16.58 -12.23 10.16
C LEU B 48 -15.88 -10.88 10.00
N MET B 49 -16.61 -9.85 9.55
CA MET B 49 -15.97 -8.58 9.27
C MET B 49 -15.56 -7.88 10.56
N ILE B 50 -16.41 -7.97 11.58
CA ILE B 50 -16.07 -7.43 12.89
C ILE B 50 -14.82 -8.15 13.44
N ASN B 51 -14.80 -9.49 13.36
CA ASN B 51 -13.63 -10.23 13.82
C ASN B 51 -12.37 -9.90 13.01
N ALA B 52 -12.54 -9.53 11.73
CA ALA B 52 -11.41 -9.15 10.89
C ALA B 52 -10.92 -7.74 11.21
N GLY B 53 -11.70 -6.98 11.99
CA GLY B 53 -11.24 -5.68 12.48
C GLY B 53 -12.08 -4.49 11.96
N ALA B 54 -13.14 -4.74 11.17
CA ALA B 54 -14.00 -3.63 10.78
C ALA B 54 -14.64 -2.99 12.01
N THR B 55 -14.75 -1.65 12.02
CA THR B 55 -15.37 -0.94 13.13
C THR B 55 -16.68 -0.27 12.70
N ILE B 56 -16.98 -0.36 11.39
CA ILE B 56 -18.27 0.06 10.86
C ILE B 56 -18.73 -1.00 9.86
N ILE B 57 -20.03 -1.34 9.87
CA ILE B 57 -20.59 -2.26 8.89
C ILE B 57 -21.62 -1.53 8.03
N ASP B 58 -21.42 -1.56 6.72
CA ASP B 58 -22.21 -0.79 5.77
C ASP B 58 -23.28 -1.71 5.14
N VAL B 59 -24.56 -1.43 5.43
CA VAL B 59 -25.64 -2.27 4.98
C VAL B 59 -26.32 -1.59 3.79
N GLY B 60 -26.38 -2.30 2.65
CA GLY B 60 -27.09 -1.82 1.47
C GLY B 60 -28.01 -2.91 0.91
N GLY B 61 -29.22 -2.50 0.54
CA GLY B 61 -30.25 -3.45 0.10
C GLY B 61 -30.75 -3.17 -1.32
N GLU B 62 -30.32 -2.07 -1.92
CA GLU B 62 -30.52 -1.81 -3.35
C GLU B 62 -29.17 -1.96 -4.04
N SER B 63 -29.14 -2.74 -5.12
CA SER B 63 -27.88 -2.98 -5.84
C SER B 63 -27.50 -1.71 -6.60
N THR B 64 -26.19 -1.52 -6.82
CA THR B 64 -25.75 -0.37 -7.58
C THR B 64 -24.95 -0.79 -8.82
N ARG B 65 -24.91 -2.10 -9.12
CA ARG B 65 -24.25 -2.62 -10.31
C ARG B 65 -24.90 -2.09 -11.59
N GLY B 67 -26.70 -1.90 -14.33
CA GLY B 67 -28.12 -1.52 -14.50
C GLY B 67 -29.07 -2.41 -13.69
N ALA B 68 -28.60 -2.83 -12.50
CA ALA B 68 -29.33 -3.62 -11.51
C ALA B 68 -30.72 -3.04 -11.23
N ALA B 69 -31.61 -3.88 -10.69
CA ALA B 69 -33.03 -3.57 -10.56
C ALA B 69 -33.23 -2.57 -9.42
N GLU B 70 -34.01 -1.52 -9.66
CA GLU B 70 -34.53 -0.67 -8.60
C GLU B 70 -35.48 -1.47 -7.72
N VAL B 71 -35.57 -1.08 -6.44
CA VAL B 71 -36.44 -1.74 -5.47
C VAL B 71 -37.39 -0.69 -4.92
N SER B 72 -38.58 -1.12 -4.47
CA SER B 72 -39.52 -0.21 -3.84
C SER B 72 -39.07 0.06 -2.40
N VAL B 73 -39.76 1.04 -1.79
CA VAL B 73 -39.58 1.41 -0.39
C VAL B 73 -39.78 0.19 0.49
N GLU B 74 -40.86 -0.56 0.18
CA GLU B 74 -41.26 -1.71 0.95
C GLU B 74 -40.18 -2.79 0.87
N GLU B 75 -39.61 -3.02 -0.32
CA GLU B 75 -38.61 -4.07 -0.43
C GLU B 75 -37.37 -3.68 0.38
N GLU B 76 -36.95 -2.41 0.23
CA GLU B 76 -35.73 -1.96 0.89
C GLU B 76 -35.88 -2.05 2.41
N LEU B 77 -37.04 -1.63 2.93
CA LEU B 77 -37.36 -1.79 4.34
C LEU B 77 -37.24 -3.25 4.79
N GLN B 78 -37.80 -4.16 3.97
CA GLN B 78 -37.82 -5.57 4.33
C GLN B 78 -36.41 -6.16 4.31
N ARG B 79 -35.57 -5.69 3.39
CA ARG B 79 -34.22 -6.25 3.28
C ARG B 79 -33.28 -5.61 4.31
N VAL B 80 -33.37 -4.29 4.47
CA VAL B 80 -32.35 -3.59 5.26
C VAL B 80 -32.63 -3.63 6.77
N ILE B 81 -33.85 -3.24 7.14
CA ILE B 81 -34.17 -2.98 8.54
C ILE B 81 -33.90 -4.19 9.42
N PRO B 82 -34.32 -5.44 9.06
CA PRO B 82 -34.06 -6.55 9.96
C PRO B 82 -32.58 -6.80 10.19
N VAL B 83 -31.75 -6.48 9.21
CA VAL B 83 -30.31 -6.70 9.33
C VAL B 83 -29.70 -5.64 10.25
N VAL B 84 -30.10 -4.38 10.08
CA VAL B 84 -29.58 -3.32 10.93
C VAL B 84 -29.95 -3.66 12.38
N GLU B 85 -31.20 -4.09 12.56
CA GLU B 85 -31.70 -4.39 13.88
C GLU B 85 -30.94 -5.56 14.51
N ALA B 86 -30.73 -6.63 13.74
CA ALA B 86 -30.02 -7.78 14.27
C ALA B 86 -28.57 -7.44 14.64
N ILE B 87 -27.95 -6.48 13.93
CA ILE B 87 -26.56 -6.14 14.23
C ILE B 87 -26.53 -5.26 15.49
N ALA B 88 -27.51 -4.35 15.62
CA ALA B 88 -27.58 -3.53 16.81
C ALA B 88 -27.82 -4.39 18.05
N GLN B 89 -28.47 -5.55 17.89
CA GLN B 89 -28.76 -6.41 19.02
C GLN B 89 -27.60 -7.32 19.36
N ARG B 90 -26.68 -7.55 18.42
CA ARG B 90 -25.64 -8.54 18.63
C ARG B 90 -24.28 -7.92 18.95
N PHE B 91 -24.03 -6.69 18.48
CA PHE B 91 -22.66 -6.22 18.47
C PHE B 91 -22.60 -4.77 18.94
N GLU B 92 -21.40 -4.36 19.42
CA GLU B 92 -21.11 -2.98 19.71
C GLU B 92 -20.27 -2.40 18.56
N VAL B 93 -20.86 -2.32 17.37
CA VAL B 93 -20.17 -1.84 16.19
C VAL B 93 -21.05 -0.74 15.58
N TRP B 94 -20.43 0.22 14.89
CA TRP B 94 -21.21 1.22 14.17
C TRP B 94 -21.79 0.63 12.90
N ILE B 95 -22.95 1.17 12.53
CA ILE B 95 -23.73 0.66 11.41
C ILE B 95 -24.04 1.83 10.50
N SER B 96 -23.66 1.67 9.23
CA SER B 96 -24.08 2.60 8.21
C SER B 96 -25.09 1.94 7.29
N VAL B 97 -26.02 2.76 6.78
CA VAL B 97 -27.04 2.28 5.86
C VAL B 97 -26.95 3.03 4.54
N ASP B 98 -27.03 2.27 3.44
CA ASP B 98 -26.94 2.85 2.10
C ASP B 98 -28.34 2.96 1.52
N THR B 99 -28.88 4.18 1.55
CA THR B 99 -30.26 4.37 1.15
C THR B 99 -30.45 5.81 0.74
N SER B 100 -31.37 6.01 -0.19
CA SER B 100 -31.77 7.32 -0.68
C SER B 100 -33.20 7.65 -0.26
N LYS B 101 -33.86 6.70 0.41
CA LYS B 101 -35.31 6.76 0.60
C LYS B 101 -35.64 7.31 1.99
N PRO B 102 -36.48 8.38 2.09
CA PRO B 102 -36.87 8.94 3.38
C PRO B 102 -37.31 7.92 4.43
N GLU B 103 -38.12 6.94 4.01
CA GLU B 103 -38.69 6.00 4.97
C GLU B 103 -37.62 5.07 5.50
N VAL B 104 -36.67 4.70 4.65
CA VAL B 104 -35.60 3.83 5.11
C VAL B 104 -34.69 4.59 6.08
N ILE B 105 -34.43 5.87 5.79
CA ILE B 105 -33.62 6.70 6.67
C ILE B 105 -34.25 6.74 8.06
N ARG B 106 -35.54 7.06 8.14
CA ARG B 106 -36.22 7.20 9.43
C ARG B 106 -36.22 5.87 10.18
N GLU B 107 -36.59 4.78 9.51
CA GLU B 107 -36.67 3.47 10.15
C GLU B 107 -35.28 2.95 10.57
N SER B 108 -34.25 3.21 9.75
CA SER B 108 -32.88 2.80 10.11
C SER B 108 -32.46 3.43 11.43
N ALA B 109 -32.78 4.73 11.59
CA ALA B 109 -32.40 5.46 12.79
C ALA B 109 -33.11 4.87 14.01
N LYS B 110 -34.39 4.51 13.83
CA LYS B 110 -35.20 3.93 14.89
C LYS B 110 -34.61 2.61 15.37
N VAL B 111 -34.02 1.82 14.46
CA VAL B 111 -33.55 0.52 14.89
C VAL B 111 -32.06 0.54 15.18
N GLY B 112 -31.41 1.71 15.08
CA GLY B 112 -30.08 1.82 15.68
C GLY B 112 -28.90 2.11 14.73
N ALA B 113 -29.17 2.39 13.44
CA ALA B 113 -28.12 2.86 12.52
C ALA B 113 -27.44 4.13 13.02
N HIS B 114 -26.13 4.25 12.75
CA HIS B 114 -25.28 5.38 13.15
C HIS B 114 -25.04 6.38 12.03
N ILE B 115 -24.97 5.92 10.76
CA ILE B 115 -24.63 6.78 9.64
C ILE B 115 -25.59 6.49 8.47
N ILE B 116 -26.10 7.57 7.90
CA ILE B 116 -26.80 7.52 6.63
C ILE B 116 -25.75 7.76 5.55
N ASN B 117 -25.60 6.76 4.66
CA ASN B 117 -24.65 6.83 3.58
C ASN B 117 -25.42 6.86 2.26
N ASP B 118 -25.78 8.07 1.81
CA ASP B 118 -26.54 8.18 0.57
C ASP B 118 -25.63 8.61 -0.57
N ILE B 119 -25.49 7.73 -1.58
CA ILE B 119 -24.69 8.05 -2.76
C ILE B 119 -25.36 9.18 -3.55
N ARG B 120 -26.66 9.44 -3.31
CA ARG B 120 -27.37 10.51 -4.01
C ARG B 120 -27.37 11.79 -3.18
N SER B 121 -26.66 11.78 -2.05
CA SER B 121 -26.55 12.93 -1.16
C SER B 121 -27.92 13.56 -0.90
N LEU B 122 -28.91 12.72 -0.60
CA LEU B 122 -30.17 13.19 -0.04
C LEU B 122 -30.97 13.99 -1.08
N SER B 123 -30.83 13.61 -2.36
CA SER B 123 -31.48 14.34 -3.44
C SER B 123 -32.91 13.85 -3.67
N GLU B 124 -33.29 12.69 -3.12
CA GLU B 124 -34.65 12.23 -3.33
C GLU B 124 -35.60 13.09 -2.50
N PRO B 125 -36.85 13.32 -2.97
CA PRO B 125 -37.80 14.15 -2.21
C PRO B 125 -38.07 13.59 -0.81
N GLY B 126 -37.91 14.47 0.18
CA GLY B 126 -38.11 14.10 1.57
C GLY B 126 -36.85 13.56 2.25
N ALA B 127 -35.80 13.24 1.49
CA ALA B 127 -34.65 12.58 2.10
C ALA B 127 -33.92 13.55 3.03
N LEU B 128 -33.79 14.79 2.58
CA LEU B 128 -33.06 15.78 3.34
C LEU B 128 -33.74 16.02 4.69
N GLU B 129 -35.08 16.09 4.66
CA GLU B 129 -35.86 16.37 5.86
C GLU B 129 -35.77 15.17 6.81
N ALA B 130 -35.88 13.97 6.24
CA ALA B 130 -35.74 12.75 7.03
C ALA B 130 -34.37 12.69 7.68
N ALA B 131 -33.32 13.00 6.93
CA ALA B 131 -31.99 12.95 7.52
C ALA B 131 -31.89 13.92 8.70
N ALA B 132 -32.36 15.16 8.50
CA ALA B 132 -32.27 16.18 9.54
C ALA B 132 -33.03 15.70 10.79
N GLU B 133 -34.19 15.11 10.58
CA GLU B 133 -35.02 14.67 11.71
C GLU B 133 -34.34 13.58 12.52
N THR B 134 -33.52 12.72 11.89
CA THR B 134 -32.87 11.65 12.63
C THR B 134 -31.80 12.20 13.56
N GLY B 135 -31.15 13.31 13.17
CA GLY B 135 -29.98 13.77 13.90
C GLY B 135 -28.72 12.90 13.70
N LEU B 136 -28.78 11.93 12.78
CA LEU B 136 -27.64 11.08 12.44
C LEU B 136 -26.59 11.82 11.62
N PRO B 137 -25.29 11.43 11.75
CA PRO B 137 -24.31 11.69 10.72
C PRO B 137 -24.77 11.23 9.31
N VAL B 138 -24.38 12.02 8.33
CA VAL B 138 -24.73 11.87 6.93
C VAL B 138 -23.46 11.98 6.09
N CYS B 139 -23.24 10.98 5.24
CA CYS B 139 -22.20 11.02 4.21
C CYS B 139 -22.74 11.62 2.92
N LEU B 140 -22.03 12.63 2.40
CA LEU B 140 -22.31 13.30 1.14
C LEU B 140 -21.31 12.81 0.09
N MET B 141 -21.81 12.18 -0.98
CA MET B 141 -20.94 11.72 -2.04
C MET B 141 -21.11 12.52 -3.33
N HIS B 142 -19.99 12.95 -3.93
CA HIS B 142 -19.99 13.51 -5.27
C HIS B 142 -20.22 12.41 -6.31
N MET B 143 -21.11 12.69 -7.26
CA MET B 143 -21.44 11.71 -8.28
C MET B 143 -21.50 12.40 -9.64
N GLN B 144 -20.97 11.71 -10.66
CA GLN B 144 -21.12 12.00 -12.08
C GLN B 144 -21.69 13.40 -12.31
N ASP B 158 -11.31 21.26 -14.19
CA ASP B 158 -10.61 20.79 -12.97
C ASP B 158 -11.56 19.96 -12.12
N VAL B 159 -11.28 18.65 -11.98
CA VAL B 159 -12.14 17.73 -11.23
C VAL B 159 -12.08 18.07 -9.73
N PHE B 160 -10.90 18.44 -9.23
CA PHE B 160 -10.78 18.82 -7.82
C PHE B 160 -11.70 19.99 -7.51
N ALA B 161 -11.68 21.03 -8.36
CA ALA B 161 -12.51 22.21 -8.19
C ALA B 161 -14.00 21.88 -8.26
N GLU B 162 -14.39 20.96 -9.16
CA GLU B 162 -15.79 20.55 -9.28
C GLU B 162 -16.25 19.85 -8.00
N VAL B 163 -15.42 18.93 -7.47
CA VAL B 163 -15.85 18.15 -6.32
C VAL B 163 -15.87 19.04 -5.08
N ASN B 164 -14.88 19.92 -4.96
CA ASN B 164 -14.76 20.87 -3.87
C ASN B 164 -15.99 21.78 -3.84
N ARG B 165 -16.35 22.32 -5.00
CA ARG B 165 -17.52 23.17 -5.16
CA ARG B 165 -17.51 23.19 -5.07
C ARG B 165 -18.77 22.39 -4.74
N TYR B 166 -18.83 21.12 -5.17
CA TYR B 166 -19.98 20.31 -4.83
C TYR B 166 -20.11 20.19 -3.31
N PHE B 167 -18.98 19.98 -2.62
CA PHE B 167 -19.00 19.87 -1.17
C PHE B 167 -19.53 21.16 -0.54
N ILE B 168 -19.03 22.31 -1.00
CA ILE B 168 -19.46 23.61 -0.47
C ILE B 168 -20.98 23.74 -0.56
N GLU B 169 -21.55 23.27 -1.66
CA GLU B 169 -22.95 23.44 -1.99
C GLU B 169 -23.82 22.53 -1.13
N GLN B 170 -23.34 21.30 -0.89
CA GLN B 170 -24.08 20.28 -0.17
C GLN B 170 -24.06 20.59 1.32
N ILE B 171 -22.89 21.03 1.83
CA ILE B 171 -22.79 21.49 3.21
C ILE B 171 -23.82 22.60 3.40
N ALA B 172 -23.89 23.57 2.48
CA ALA B 172 -24.82 24.69 2.66
C ALA B 172 -26.26 24.19 2.64
N ARG B 173 -26.53 23.29 1.68
CA ARG B 173 -27.85 22.71 1.50
C ARG B 173 -28.31 22.02 2.79
N CYS B 174 -27.38 21.28 3.42
CA CYS B 174 -27.64 20.54 4.64
C CYS B 174 -27.80 21.50 5.82
N GLU B 175 -26.97 22.54 5.88
CA GLU B 175 -27.05 23.48 6.99
C GLU B 175 -28.40 24.20 6.97
N GLN B 176 -28.85 24.54 5.75
CA GLN B 176 -30.10 25.26 5.61
C GLN B 176 -31.26 24.36 6.02
N ALA B 177 -31.08 23.04 5.95
CA ALA B 177 -32.14 22.10 6.36
C ALA B 177 -32.07 21.78 7.86
N GLY B 178 -31.16 22.42 8.59
CA GLY B 178 -31.05 22.20 10.02
C GLY B 178 -29.99 21.17 10.40
N ILE B 179 -29.28 20.57 9.43
CA ILE B 179 -28.28 19.56 9.75
C ILE B 179 -27.00 20.27 10.13
N ALA B 180 -26.51 19.98 11.34
CA ALA B 180 -25.30 20.59 11.86
C ALA B 180 -24.09 20.11 11.05
N LYS B 181 -23.12 21.02 10.88
CA LYS B 181 -21.95 20.73 10.06
C LYS B 181 -21.19 19.51 10.60
N GLU B 182 -21.20 19.35 11.92
CA GLU B 182 -20.51 18.28 12.63
C GLU B 182 -21.16 16.93 12.37
N LYS B 183 -22.27 16.88 11.64
CA LYS B 183 -22.88 15.60 11.33
C LYS B 183 -22.45 15.12 9.95
N LEU B 184 -21.63 15.90 9.25
CA LEU B 184 -21.41 15.64 7.83
C LEU B 184 -20.10 14.88 7.61
N LEU B 185 -20.14 13.92 6.67
CA LEU B 185 -18.95 13.26 6.15
C LEU B 185 -18.91 13.52 4.65
N LEU B 186 -17.70 13.56 4.08
CA LEU B 186 -17.50 13.92 2.68
C LEU B 186 -16.83 12.76 1.96
N ASP B 187 -17.36 12.38 0.81
CA ASP B 187 -16.78 11.35 -0.03
C ASP B 187 -16.69 11.83 -1.48
N PRO B 188 -15.48 11.87 -2.08
CA PRO B 188 -15.31 12.40 -3.44
C PRO B 188 -15.92 11.54 -4.54
N GLY B 189 -16.38 10.31 -4.20
CA GLY B 189 -17.13 9.49 -5.14
C GLY B 189 -16.29 8.89 -6.27
N PHE B 190 -15.30 8.06 -5.89
CA PHE B 190 -14.45 7.35 -6.84
C PHE B 190 -15.33 6.46 -7.71
N GLY B 191 -15.03 6.48 -9.03
CA GLY B 191 -15.89 5.82 -10.00
C GLY B 191 -17.09 6.73 -10.24
N PHE B 192 -18.29 6.19 -10.46
CA PHE B 192 -19.48 7.05 -10.52
C PHE B 192 -19.26 8.23 -11.47
N GLY B 193 -19.32 7.94 -12.78
CA GLY B 193 -19.12 8.93 -13.82
C GLY B 193 -17.77 9.62 -13.77
N LYS B 194 -16.70 8.86 -13.46
CA LYS B 194 -15.36 9.46 -13.45
C LYS B 194 -14.40 8.55 -14.19
N ASN B 195 -13.63 9.14 -15.12
CA ASN B 195 -12.62 8.48 -15.92
C ASN B 195 -11.36 8.28 -15.07
N LEU B 196 -10.39 7.56 -15.64
CA LEU B 196 -9.26 7.09 -14.87
C LEU B 196 -8.43 8.29 -14.39
N SER B 197 -8.13 9.19 -15.32
CA SER B 197 -7.40 10.40 -14.98
C SER B 197 -8.07 11.16 -13.83
N HIS B 198 -9.39 11.32 -13.90
CA HIS B 198 -10.12 12.08 -12.90
C HIS B 198 -10.07 11.40 -11.53
N ASN B 199 -10.26 10.07 -11.49
CA ASN B 199 -10.11 9.31 -10.26
C ASN B 199 -8.74 9.54 -9.61
N TYR B 200 -7.66 9.48 -10.40
CA TYR B 200 -6.32 9.62 -9.84
C TYR B 200 -5.99 11.04 -9.38
N SER B 201 -6.59 12.06 -10.01
CA SER B 201 -6.41 13.44 -9.56
C SER B 201 -7.02 13.62 -8.18
N LEU B 202 -8.23 13.09 -8.02
CA LEU B 202 -8.91 13.17 -6.73
C LEU B 202 -8.08 12.44 -5.67
N LEU B 203 -7.59 11.24 -6.02
CA LEU B 203 -6.80 10.48 -5.07
C LEU B 203 -5.55 11.28 -4.68
N ALA B 204 -4.87 11.87 -5.68
CA ALA B 204 -3.61 12.57 -5.46
C ALA B 204 -3.80 13.77 -4.55
N ARG B 205 -4.98 14.41 -4.61
CA ARG B 205 -5.20 15.68 -3.92
C ARG B 205 -6.15 15.49 -2.74
N LEU B 206 -6.39 14.24 -2.33
CA LEU B 206 -7.39 13.96 -1.31
C LEU B 206 -7.19 14.81 -0.04
N ALA B 207 -5.95 14.99 0.40
CA ALA B 207 -5.65 15.73 1.62
C ALA B 207 -6.18 17.17 1.56
N GLU B 208 -6.32 17.74 0.35
CA GLU B 208 -6.77 19.12 0.23
C GLU B 208 -8.19 19.29 0.78
N PHE B 209 -8.95 18.19 0.85
CA PHE B 209 -10.33 18.25 1.31
C PHE B 209 -10.43 18.39 2.81
N HIS B 210 -9.32 18.23 3.54
CA HIS B 210 -9.28 18.55 4.96
C HIS B 210 -9.61 20.02 5.27
N HIS B 211 -9.52 20.92 4.29
CA HIS B 211 -9.78 22.32 4.58
C HIS B 211 -11.20 22.48 5.15
N PHE B 212 -12.11 21.54 4.86
CA PHE B 212 -13.45 21.62 5.41
C PHE B 212 -13.52 21.23 6.88
N ASN B 213 -12.44 20.60 7.38
CA ASN B 213 -12.41 20.09 8.73
C ASN B 213 -13.55 19.11 8.97
N LEU B 214 -13.86 18.28 7.97
CA LEU B 214 -14.87 17.23 8.14
C LEU B 214 -14.23 15.85 7.93
N PRO B 215 -14.84 14.77 8.48
CA PRO B 215 -14.44 13.41 8.13
C PRO B 215 -14.47 13.17 6.62
N LEU B 216 -13.41 12.49 6.14
CA LEU B 216 -13.30 12.02 4.77
C LEU B 216 -13.54 10.50 4.69
N LEU B 217 -14.49 10.11 3.84
CA LEU B 217 -14.82 8.70 3.58
C LEU B 217 -14.50 8.37 2.12
N VAL B 218 -13.81 7.26 1.86
CA VAL B 218 -13.51 6.88 0.49
C VAL B 218 -13.89 5.40 0.25
N GLY B 219 -14.29 5.10 -0.99
CA GLY B 219 -14.60 3.73 -1.43
C GLY B 219 -13.92 3.45 -2.78
N MET B 220 -12.84 2.68 -2.76
CA MET B 220 -12.09 2.41 -3.98
C MET B 220 -12.07 0.92 -4.30
N SER B 221 -12.47 0.10 -3.31
CA SER B 221 -12.34 -1.34 -3.36
C SER B 221 -12.91 -1.91 -4.66
N ARG B 222 -12.07 -2.69 -5.39
CA ARG B 222 -12.47 -3.45 -6.56
CA ARG B 222 -12.46 -3.45 -6.56
C ARG B 222 -12.97 -2.55 -7.69
N LYS B 223 -12.66 -1.24 -7.64
CA LYS B 223 -13.25 -0.35 -8.62
C LYS B 223 -12.49 -0.37 -9.95
N SER B 224 -13.15 0.20 -10.97
CA SER B 224 -12.60 0.15 -12.31
C SER B 224 -11.35 1.02 -12.44
N MET B 225 -11.16 2.01 -11.55
CA MET B 225 -9.93 2.80 -11.58
C MET B 225 -8.71 1.90 -11.35
N ILE B 226 -8.94 0.72 -10.77
CA ILE B 226 -7.89 -0.30 -10.58
C ILE B 226 -7.99 -1.29 -11.74
N GLY B 227 -9.21 -1.79 -12.00
CA GLY B 227 -9.45 -2.76 -13.06
C GLY B 227 -8.94 -2.28 -14.43
N GLN B 228 -9.22 -1.01 -14.77
CA GLN B 228 -8.82 -0.46 -16.05
C GLN B 228 -7.32 -0.14 -16.09
N LEU B 229 -6.75 0.22 -14.92
CA LEU B 229 -5.34 0.53 -14.86
C LEU B 229 -4.52 -0.73 -15.08
N LEU B 230 -4.98 -1.86 -14.50
CA LEU B 230 -4.18 -3.08 -14.44
C LEU B 230 -4.68 -4.10 -15.46
N ASN B 231 -5.85 -3.84 -16.05
CA ASN B 231 -6.44 -4.70 -17.08
C ASN B 231 -6.81 -6.04 -16.46
N VAL B 232 -7.49 -5.99 -15.30
CA VAL B 232 -7.77 -7.17 -14.50
C VAL B 232 -9.23 -7.12 -14.07
N GLY B 233 -9.84 -8.30 -13.90
CA GLY B 233 -11.24 -8.45 -13.55
C GLY B 233 -11.48 -8.20 -12.06
N PRO B 234 -12.77 -8.14 -11.63
CA PRO B 234 -13.13 -7.68 -10.28
C PRO B 234 -12.52 -8.49 -9.13
N SER B 235 -12.20 -9.76 -9.41
CA SER B 235 -11.67 -10.63 -8.39
C SER B 235 -10.14 -10.56 -8.35
N GLU B 236 -9.52 -9.73 -9.19
CA GLU B 236 -8.07 -9.68 -9.24
C GLU B 236 -7.54 -8.32 -8.77
N ARG B 237 -8.36 -7.58 -8.00
CA ARG B 237 -8.08 -6.19 -7.72
C ARG B 237 -7.62 -5.95 -6.29
N LEU B 238 -7.35 -7.03 -5.54
CA LEU B 238 -7.00 -6.87 -4.13
C LEU B 238 -5.78 -5.93 -3.94
N SER B 239 -4.69 -6.18 -4.67
CA SER B 239 -3.44 -5.46 -4.44
C SER B 239 -3.61 -3.98 -4.76
N GLY B 240 -4.34 -3.70 -5.85
CA GLY B 240 -4.58 -2.33 -6.26
C GLY B 240 -5.50 -1.61 -5.27
N SER B 241 -6.48 -2.37 -4.74
CA SER B 241 -7.39 -1.86 -3.71
C SER B 241 -6.59 -1.43 -2.49
N LEU B 242 -5.65 -2.30 -2.09
CA LEU B 242 -4.88 -2.05 -0.89
C LEU B 242 -4.02 -0.80 -1.10
N ALA B 243 -3.49 -0.66 -2.32
CA ALA B 243 -2.65 0.48 -2.63
C ALA B 243 -3.47 1.76 -2.53
N CYS B 244 -4.68 1.76 -3.13
CA CYS B 244 -5.55 2.92 -3.04
C CYS B 244 -5.90 3.28 -1.59
N ALA B 245 -6.20 2.26 -0.76
CA ALA B 245 -6.58 2.49 0.63
C ALA B 245 -5.44 3.13 1.41
N VAL B 246 -4.22 2.64 1.16
CA VAL B 246 -3.06 3.12 1.90
C VAL B 246 -2.78 4.57 1.47
N ILE B 247 -2.87 4.85 0.15
CA ILE B 247 -2.64 6.22 -0.32
C ILE B 247 -3.64 7.17 0.33
N ALA B 248 -4.93 6.78 0.38
CA ALA B 248 -5.96 7.61 1.02
C ALA B 248 -5.70 7.77 2.51
N ALA B 249 -5.34 6.67 3.19
CA ALA B 249 -5.18 6.74 4.63
C ALA B 249 -3.95 7.56 5.01
N MET B 250 -2.89 7.47 4.20
CA MET B 250 -1.69 8.25 4.50
C MET B 250 -1.99 9.74 4.35
N GLN B 251 -3.03 10.06 3.57
CA GLN B 251 -3.44 11.44 3.44
C GLN B 251 -4.48 11.81 4.49
N GLY B 252 -4.71 10.93 5.48
CA GLY B 252 -5.58 11.27 6.61
C GLY B 252 -7.08 11.01 6.34
N ALA B 253 -7.41 10.18 5.34
CA ALA B 253 -8.80 9.74 5.20
C ALA B 253 -9.23 8.96 6.44
N HIS B 254 -10.49 9.17 6.85
CA HIS B 254 -10.96 8.72 8.16
C HIS B 254 -11.63 7.35 8.04
N ILE B 255 -12.34 7.08 6.93
CA ILE B 255 -13.09 5.85 6.77
C ILE B 255 -12.83 5.30 5.38
N ILE B 256 -12.48 4.01 5.33
CA ILE B 256 -12.13 3.32 4.09
C ILE B 256 -13.13 2.18 3.90
N ARG B 257 -13.94 2.28 2.83
CA ARG B 257 -15.02 1.34 2.60
C ARG B 257 -14.55 0.24 1.65
N VAL B 258 -14.65 -1.03 2.10
CA VAL B 258 -13.93 -2.12 1.45
C VAL B 258 -14.74 -3.42 1.50
N HIS B 259 -14.41 -4.32 0.57
CA HIS B 259 -14.95 -5.67 0.58
C HIS B 259 -14.08 -6.61 1.41
N ASP B 260 -12.75 -6.41 1.38
CA ASP B 260 -11.77 -7.32 1.98
C ASP B 260 -11.26 -6.68 3.26
N VAL B 261 -11.93 -6.99 4.38
CA VAL B 261 -11.70 -6.26 5.62
C VAL B 261 -10.32 -6.59 6.21
N LYS B 262 -10.05 -7.90 6.30
CA LYS B 262 -8.88 -8.35 7.05
C LYS B 262 -7.61 -7.72 6.46
N GLU B 263 -7.44 -7.87 5.13
CA GLU B 263 -6.30 -7.33 4.41
C GLU B 263 -6.21 -5.81 4.57
N THR B 264 -7.35 -5.10 4.45
CA THR B 264 -7.36 -3.66 4.58
C THR B 264 -6.95 -3.24 6.00
N VAL B 265 -7.49 -3.91 7.03
CA VAL B 265 -7.16 -3.62 8.43
C VAL B 265 -5.66 -3.82 8.65
N GLU B 266 -5.08 -4.89 8.09
CA GLU B 266 -3.64 -5.10 8.24
C GLU B 266 -2.87 -3.93 7.61
N ALA B 267 -3.29 -3.48 6.41
CA ALA B 267 -2.67 -2.35 5.75
C ALA B 267 -2.76 -1.07 6.60
N MET B 268 -3.93 -0.83 7.23
CA MET B 268 -4.17 0.34 8.05
C MET B 268 -3.29 0.31 9.30
N ARG B 269 -3.04 -0.87 9.86
CA ARG B 269 -2.14 -0.97 11.00
C ARG B 269 -0.72 -0.51 10.61
N VAL B 270 -0.28 -0.82 9.38
CA VAL B 270 1.03 -0.37 8.93
C VAL B 270 1.02 1.15 8.78
N VAL B 271 -0.06 1.70 8.18
CA VAL B 271 -0.25 3.13 8.09
C VAL B 271 -0.20 3.80 9.46
N GLU B 272 -0.99 3.28 10.41
CA GLU B 272 -1.06 3.82 11.76
C GLU B 272 0.30 3.78 12.44
N ALA B 273 1.07 2.68 12.28
CA ALA B 273 2.40 2.66 12.88
C ALA B 273 3.27 3.74 12.23
N THR B 274 3.11 3.97 10.94
CA THR B 274 3.91 5.00 10.25
C THR B 274 3.52 6.38 10.74
N LEU B 275 2.22 6.71 10.70
CA LEU B 275 1.72 8.03 11.10
C LEU B 275 2.05 8.30 12.57
N SER B 276 1.93 7.27 13.41
CA SER B 276 2.29 7.42 14.81
C SER B 276 3.75 7.85 14.95
N ALA B 277 4.63 7.40 14.04
CA ALA B 277 6.02 7.83 14.08
C ALA B 277 6.19 9.19 13.40
#